data_9OAQ
#
_entry.id   9OAQ
#
_cell.length_a   102.685
_cell.length_b   133.973
_cell.length_c   154.014
_cell.angle_alpha   90.000
_cell.angle_beta   90.000
_cell.angle_gamma   90.000
#
_symmetry.space_group_name_H-M   'I 2 2 2'
#
loop_
_entity.id
_entity.type
_entity.pdbx_description
1 polymer 'G001-59 Fab heavy chain'
2 polymer 'G001-59 Fab light chain'
3 polymer 'Germline-targeting HIV-1 gp120 engineered outer domain eOD-GT8-mingly-N276'
4 non-polymer 2-acetamido-2-deoxy-beta-D-glucopyranose
5 water water
#
loop_
_entity_poly.entity_id
_entity_poly.type
_entity_poly.pdbx_seq_one_letter_code
_entity_poly.pdbx_strand_id
1 'polypeptide(L)'
;QVQLVQSGAEVKKPGTSVKVSCKASEYTFTGYYVHWVRQAPGQGLEWMGWINPNSGGTNYAQKFQGWVTMTRDTSISTAY
MELSRLKSDDTAVYYCARSDYISSWYFGYWGQGTLVTVSSASTKGPSVFPLAPSSKSTSGGTAALGCLVKDYFPEPVTVS
WNSGALTSGVHTFPAVLQSSGLYSLSSVVTVPSSSLGTQTYICNVNHKPSNTKVDKKVEPKSC
;
H
2 'polypeptide(L)'
;EIVMTQSPATLSVSPGERATLSCRASQSVSSNLAWYQQKPGQAPRLLIYGTSTRATGIPARFSGSGSGTEFTLTISSLQS
EDFAVYYCQQYETFGQGTKVEIKRTVAAPSVFIFPPSDEQLKSGTASVVCLLNNFYPREAKVQWKVDNALQSGNSQESVT
EQDSKDSTYSLSSTLTLSKADYEKHKVYACEVTHQGLSSPVTKSFNRGEC
;
L
3 'polypeptide(L)'
;ETGDTITLPCRPAPPPHCSSNITGLILTRQGGYSNANTVIFRPSGGDWRDIARCQIAGTVVSTQLFLNGSLAEEEVVIRS
ENWTDNAKSICVQLATSVEIACTGAGHCAISRAKWANTLKQIASKLREQYGAKTIIFKPSSGGDPEFVNHSFNCGGEFFY
CASTQLFASTWFASTGTKHHHHHH
;
C
#
loop_
_chem_comp.id
_chem_comp.type
_chem_comp.name
_chem_comp.formula
NAG D-saccharide, beta linking 2-acetamido-2-deoxy-beta-D-glucopyranose 'C8 H15 N O6'
#
# COMPACT_ATOMS: atom_id res chain seq x y z
N GLN A 1 -16.21 -17.84 -11.11
CA GLN A 1 -16.27 -16.88 -10.01
C GLN A 1 -15.52 -15.61 -10.35
N VAL A 2 -15.92 -14.50 -9.73
CA VAL A 2 -15.28 -13.21 -9.99
C VAL A 2 -13.87 -13.23 -9.40
N GLN A 3 -12.90 -12.81 -10.20
CA GLN A 3 -11.52 -12.74 -9.76
C GLN A 3 -10.77 -11.68 -10.55
N LEU A 4 -9.68 -11.20 -9.96
CA LEU A 4 -8.79 -10.24 -10.59
C LEU A 4 -7.38 -10.83 -10.62
N VAL A 5 -6.79 -10.89 -11.81
CA VAL A 5 -5.47 -11.48 -12.00
C VAL A 5 -4.53 -10.38 -12.48
N GLN A 6 -3.45 -10.16 -11.75
CA GLN A 6 -2.51 -9.09 -12.03
C GLN A 6 -1.26 -9.63 -12.71
N SER A 7 -0.46 -8.70 -13.24
CA SER A 7 0.77 -9.05 -13.92
C SER A 7 1.84 -9.50 -12.90
N GLY A 8 2.88 -10.13 -13.42
CA GLY A 8 3.92 -10.67 -12.57
C GLY A 8 4.80 -9.60 -11.96
N ALA A 9 5.60 -10.04 -10.98
CA ALA A 9 6.50 -9.13 -10.28
C ALA A 9 7.60 -8.63 -11.22
N GLU A 10 8.03 -7.39 -10.99
CA GLU A 10 9.05 -6.77 -11.81
C GLU A 10 10.07 -6.07 -10.93
N VAL A 11 11.32 -6.05 -11.39
CA VAL A 11 12.41 -5.35 -10.73
C VAL A 11 12.86 -4.23 -11.68
N LYS A 12 12.85 -3.00 -11.19
CA LYS A 12 13.07 -1.83 -12.03
C LYS A 12 14.20 -0.97 -11.45
N LYS A 13 15.03 -0.45 -12.35
CA LYS A 13 16.04 0.51 -11.94
C LYS A 13 15.37 1.83 -11.54
N PRO A 14 15.98 2.58 -10.62
CA PRO A 14 15.39 3.87 -10.24
C PRO A 14 15.28 4.81 -11.43
N GLY A 15 14.19 5.57 -11.46
CA GLY A 15 13.94 6.54 -12.50
C GLY A 15 13.21 6.02 -13.72
N THR A 16 13.00 4.71 -13.82
CA THR A 16 12.28 4.12 -14.94
C THR A 16 10.78 4.12 -14.65
N SER A 17 10.01 3.43 -15.49
CA SER A 17 8.57 3.34 -15.32
C SER A 17 8.13 1.89 -15.48
N VAL A 18 7.04 1.53 -14.80
CA VAL A 18 6.51 0.18 -14.79
C VAL A 18 5.00 0.24 -15.05
N LYS A 19 4.50 -0.73 -15.79
CA LYS A 19 3.07 -0.85 -16.10
C LYS A 19 2.54 -2.15 -15.53
N VAL A 20 1.48 -2.07 -14.75
CA VAL A 20 0.89 -3.21 -14.06
C VAL A 20 -0.49 -3.47 -14.63
N SER A 21 -0.78 -4.74 -14.92
CA SER A 21 -2.07 -5.14 -15.48
C SER A 21 -2.98 -5.70 -14.39
N CYS A 22 -4.28 -5.74 -14.72
CA CYS A 22 -5.28 -6.31 -13.81
C CYS A 22 -6.46 -6.73 -14.68
N LYS A 23 -6.54 -8.03 -14.97
CA LYS A 23 -7.59 -8.55 -15.84
C LYS A 23 -8.77 -9.04 -15.01
N ALA A 24 -9.97 -8.58 -15.36
CA ALA A 24 -11.19 -8.92 -14.67
C ALA A 24 -11.96 -10.01 -15.43
N SER A 25 -12.74 -10.79 -14.70
CA SER A 25 -13.51 -11.85 -15.31
C SER A 25 -14.78 -12.11 -14.52
N GLU A 26 -15.78 -12.67 -15.21
CA GLU A 26 -17.04 -13.11 -14.61
C GLU A 26 -17.87 -11.95 -14.03
N TYR A 27 -17.69 -10.74 -14.58
CA TYR A 27 -18.59 -9.64 -14.23
C TYR A 27 -18.50 -8.58 -15.32
N THR A 28 -19.47 -7.68 -15.30
CA THR A 28 -19.52 -6.58 -16.26
C THR A 28 -18.42 -5.57 -15.92
N PHE A 29 -17.36 -5.57 -16.73
CA PHE A 29 -16.17 -4.81 -16.40
C PHE A 29 -16.44 -3.31 -16.29
N THR A 30 -17.35 -2.80 -17.11
CA THR A 30 -17.61 -1.36 -17.16
C THR A 30 -18.54 -0.89 -16.05
N GLY A 31 -19.10 -1.79 -15.25
CA GLY A 31 -20.06 -1.42 -14.24
C GLY A 31 -19.51 -1.15 -12.85
N TYR A 32 -18.22 -1.33 -12.63
CA TYR A 32 -17.64 -1.19 -11.29
C TYR A 32 -16.31 -0.45 -11.36
N TYR A 33 -16.11 0.46 -10.41
CA TYR A 33 -14.86 1.21 -10.34
C TYR A 33 -13.71 0.29 -9.95
N VAL A 34 -12.51 0.63 -10.45
CA VAL A 34 -11.29 -0.11 -10.15
C VAL A 34 -10.35 0.83 -9.42
N HIS A 35 -9.98 0.46 -8.19
CA HIS A 35 -9.06 1.23 -7.37
C HIS A 35 -7.72 0.52 -7.30
N TRP A 36 -6.66 1.30 -7.10
CA TRP A 36 -5.31 0.76 -6.95
C TRP A 36 -4.78 1.12 -5.56
N VAL A 37 -4.36 0.10 -4.81
CA VAL A 37 -3.87 0.25 -3.45
C VAL A 37 -2.50 -0.39 -3.36
N ARG A 38 -1.54 0.34 -2.79
CA ARG A 38 -0.17 -0.15 -2.66
C ARG A 38 0.20 -0.31 -1.20
N GLN A 39 1.08 -1.28 -0.95
CA GLN A 39 1.47 -1.65 0.41
C GLN A 39 2.98 -1.84 0.45
N ALA A 40 3.68 -0.90 1.09
CA ALA A 40 5.11 -1.03 1.27
C ALA A 40 5.43 -2.22 2.17
N PRO A 41 6.61 -2.85 1.98
CA PRO A 41 6.96 -4.02 2.80
C PRO A 41 6.83 -3.78 4.30
N GLY A 42 5.91 -4.51 4.94
CA GLY A 42 5.70 -4.40 6.36
C GLY A 42 4.82 -3.24 6.78
N GLN A 43 4.42 -2.37 5.85
CA GLN A 43 3.67 -1.16 6.19
C GLN A 43 2.20 -1.35 5.83
N GLY A 44 1.42 -0.28 5.97
CA GLY A 44 -0.01 -0.33 5.77
C GLY A 44 -0.43 -0.19 4.32
N LEU A 45 -1.73 0.03 4.14
CA LEU A 45 -2.35 0.15 2.82
C LEU A 45 -2.51 1.62 2.46
N GLU A 46 -2.12 1.97 1.23
CA GLU A 46 -2.21 3.33 0.73
C GLU A 46 -3.00 3.35 -0.57
N TRP A 47 -4.03 4.19 -0.61
CA TRP A 47 -4.88 4.32 -1.79
C TRP A 47 -4.27 5.29 -2.79
N MET A 48 -4.16 4.86 -4.04
CA MET A 48 -3.55 5.68 -5.08
C MET A 48 -4.57 6.38 -5.98
N GLY A 49 -5.69 5.74 -6.25
CA GLY A 49 -6.70 6.35 -7.11
C GLY A 49 -7.66 5.31 -7.65
N TRP A 50 -8.71 5.81 -8.30
CA TRP A 50 -9.67 4.95 -8.98
C TRP A 50 -9.82 5.39 -10.43
N ILE A 51 -10.34 4.49 -11.24
CA ILE A 51 -10.65 4.76 -12.64
C ILE A 51 -12.06 4.28 -12.93
N ASN A 52 -12.83 5.11 -13.63
CA ASN A 52 -14.14 4.70 -14.12
C ASN A 52 -13.94 3.94 -15.43
N PRO A 53 -14.13 2.62 -15.45
CA PRO A 53 -13.87 1.85 -16.68
C PRO A 53 -14.84 2.20 -17.80
N ASN A 54 -16.05 2.67 -17.48
CA ASN A 54 -17.01 3.02 -18.52
C ASN A 54 -16.52 4.19 -19.36
N SER A 55 -15.98 5.22 -18.70
CA SER A 55 -15.56 6.44 -19.39
C SER A 55 -14.05 6.64 -19.44
N GLY A 56 -13.28 5.92 -18.61
CA GLY A 56 -11.86 6.16 -18.51
C GLY A 56 -11.46 7.32 -17.63
N GLY A 57 -12.43 7.98 -16.99
CA GLY A 57 -12.10 9.05 -16.06
C GLY A 57 -11.40 8.52 -14.83
N THR A 58 -10.53 9.36 -14.26
CA THR A 58 -9.68 8.95 -13.16
C THR A 58 -9.68 10.02 -12.07
N ASN A 59 -9.38 9.58 -10.86
CA ASN A 59 -9.22 10.47 -9.71
C ASN A 59 -8.04 9.95 -8.89
N TYR A 60 -6.91 10.64 -9.00
CA TYR A 60 -5.69 10.22 -8.32
C TYR A 60 -5.56 10.93 -6.98
N ALA A 61 -4.95 10.22 -6.02
CA ALA A 61 -4.57 10.88 -4.77
C ALA A 61 -3.52 11.95 -5.06
N GLN A 62 -3.61 13.06 -4.33
CA GLN A 62 -2.76 14.21 -4.63
C GLN A 62 -1.28 13.87 -4.49
N LYS A 63 -0.94 12.89 -3.66
CA LYS A 63 0.46 12.46 -3.57
C LYS A 63 0.97 11.94 -4.91
N PHE A 64 0.16 11.15 -5.59
CA PHE A 64 0.59 10.48 -6.81
C PHE A 64 0.26 11.25 -8.08
N GLN A 65 -0.37 12.43 -7.97
CA GLN A 65 -0.68 13.22 -9.15
C GLN A 65 0.60 13.63 -9.87
N GLY A 66 0.64 13.35 -11.17
CA GLY A 66 1.83 13.58 -11.96
C GLY A 66 2.80 12.41 -12.01
N TRP A 67 2.58 11.37 -11.21
CA TRP A 67 3.41 10.18 -11.22
C TRP A 67 2.67 8.92 -11.65
N VAL A 68 1.34 8.90 -11.57
CA VAL A 68 0.54 7.71 -11.85
C VAL A 68 -0.39 8.00 -13.03
N THR A 69 -0.54 7.00 -13.90
CA THR A 69 -1.52 7.05 -14.98
C THR A 69 -2.33 5.76 -14.98
N MET A 70 -3.64 5.88 -14.95
CA MET A 70 -4.55 4.74 -14.94
C MET A 70 -5.35 4.71 -16.24
N THR A 71 -5.36 3.56 -16.90
CA THR A 71 -6.09 3.36 -18.14
C THR A 71 -6.81 2.01 -18.07
N ARG A 72 -7.55 1.69 -19.12
CA ARG A 72 -8.17 0.38 -19.22
C ARG A 72 -8.43 0.06 -20.68
N ASP A 73 -8.64 -1.23 -20.94
CA ASP A 73 -9.01 -1.74 -22.26
C ASP A 73 -10.30 -2.52 -22.07
N THR A 74 -11.43 -1.90 -22.45
CA THR A 74 -12.72 -2.52 -22.22
C THR A 74 -12.87 -3.83 -22.99
N SER A 75 -12.18 -3.97 -24.12
CA SER A 75 -12.31 -5.17 -24.93
C SER A 75 -11.83 -6.42 -24.19
N ILE A 76 -10.71 -6.31 -23.48
CA ILE A 76 -10.11 -7.44 -22.78
C ILE A 76 -10.33 -7.36 -21.27
N SER A 77 -11.11 -6.39 -20.80
CA SER A 77 -11.46 -6.25 -19.39
C SER A 77 -10.21 -6.15 -18.51
N THR A 78 -9.23 -5.36 -18.96
CA THR A 78 -7.97 -5.20 -18.26
C THR A 78 -7.77 -3.75 -17.85
N ALA A 79 -7.37 -3.55 -16.60
CA ALA A 79 -7.05 -2.22 -16.08
C ALA A 79 -5.54 -2.10 -15.91
N TYR A 80 -4.98 -0.96 -16.30
CA TYR A 80 -3.55 -0.73 -16.30
C TYR A 80 -3.19 0.37 -15.31
N MET A 81 -2.07 0.19 -14.63
CA MET A 81 -1.54 1.17 -13.69
C MET A 81 -0.07 1.39 -14.01
N GLU A 82 0.27 2.62 -14.40
CA GLU A 82 1.65 2.97 -14.74
C GLU A 82 2.17 4.03 -13.78
N LEU A 83 3.32 3.75 -13.18
CA LEU A 83 4.03 4.71 -12.34
C LEU A 83 5.33 5.09 -13.02
N SER A 84 5.63 6.38 -13.04
CA SER A 84 6.78 6.91 -13.76
C SER A 84 7.82 7.46 -12.79
N ARG A 85 9.08 7.44 -13.22
CA ARG A 85 10.21 7.93 -12.44
C ARG A 85 10.25 7.29 -11.06
N LEU A 86 10.42 5.96 -11.08
CA LEU A 86 10.33 5.16 -9.87
C LEU A 86 11.43 5.53 -8.88
N LYS A 87 11.09 5.41 -7.60
CA LYS A 87 12.01 5.67 -6.50
C LYS A 87 11.97 4.48 -5.56
N SER A 88 12.95 4.41 -4.64
CA SER A 88 12.98 3.35 -3.66
C SER A 88 11.76 3.40 -2.76
N ASP A 89 11.16 4.59 -2.59
CA ASP A 89 9.91 4.72 -1.86
C ASP A 89 8.77 3.97 -2.54
N ASP A 90 8.86 3.72 -3.84
CA ASP A 90 7.82 3.10 -4.61
C ASP A 90 7.88 1.57 -4.58
N THR A 91 8.87 0.99 -3.90
CA THR A 91 8.95 -0.45 -3.74
C THR A 91 7.81 -0.93 -2.85
N ALA A 92 6.87 -1.66 -3.42
CA ALA A 92 5.67 -2.08 -2.69
C ALA A 92 4.93 -3.14 -3.50
N VAL A 93 3.91 -3.73 -2.89
CA VAL A 93 2.98 -4.60 -3.59
C VAL A 93 1.79 -3.75 -4.01
N TYR A 94 1.49 -3.76 -5.30
CA TYR A 94 0.42 -2.95 -5.87
C TYR A 94 -0.79 -3.84 -6.15
N TYR A 95 -1.91 -3.52 -5.50
CA TYR A 95 -3.15 -4.27 -5.65
C TYR A 95 -4.14 -3.48 -6.49
N CYS A 96 -4.95 -4.22 -7.25
CA CYS A 96 -6.15 -3.67 -7.85
C CYS A 96 -7.36 -4.24 -7.11
N ALA A 97 -8.30 -3.36 -6.75
CA ALA A 97 -9.48 -3.74 -6.00
C ALA A 97 -10.71 -3.24 -6.72
N ARG A 98 -11.81 -3.99 -6.56
CA ARG A 98 -13.08 -3.66 -7.20
C ARG A 98 -14.13 -3.36 -6.14
N SER A 99 -14.93 -2.33 -6.39
CA SER A 99 -15.96 -1.92 -5.45
C SER A 99 -17.08 -2.96 -5.39
N ASP A 100 -17.75 -3.05 -4.26
CA ASP A 100 -18.84 -3.99 -4.14
C ASP A 100 -19.97 -3.65 -5.09
N TYR A 101 -20.28 -2.37 -5.21
CA TYR A 101 -21.28 -1.95 -6.17
C TYR A 101 -20.70 -0.76 -6.86
N ILE A 102 -21.32 -0.34 -7.95
CA ILE A 102 -20.80 0.76 -8.77
C ILE A 102 -19.64 1.55 -8.28
N SER A 103 -19.86 2.41 -7.30
CA SER A 103 -18.75 3.28 -6.91
C SER A 103 -18.47 3.22 -5.41
N SER A 104 -18.74 2.07 -4.80
CA SER A 104 -18.54 1.91 -3.37
C SER A 104 -17.05 1.90 -3.05
N TRP A 105 -16.75 2.00 -1.75
CA TRP A 105 -15.39 1.86 -1.26
C TRP A 105 -15.19 0.55 -0.50
N TYR A 106 -16.18 -0.34 -0.54
CA TYR A 106 -16.07 -1.67 0.07
C TYR A 106 -15.43 -2.60 -0.95
N PHE A 107 -14.13 -2.88 -0.77
CA PHE A 107 -13.36 -3.66 -1.74
C PHE A 107 -13.55 -5.14 -1.44
N GLY A 108 -14.61 -5.71 -2.02
CA GLY A 108 -14.88 -7.13 -1.84
C GLY A 108 -14.02 -8.04 -2.69
N TYR A 109 -13.39 -7.51 -3.72
CA TYR A 109 -12.56 -8.30 -4.62
C TYR A 109 -11.20 -7.63 -4.78
N TRP A 110 -10.14 -8.44 -4.71
CA TRP A 110 -8.77 -7.96 -4.84
C TRP A 110 -8.01 -8.86 -5.79
N GLY A 111 -7.00 -8.28 -6.43
CA GLY A 111 -6.03 -9.08 -7.15
C GLY A 111 -5.04 -9.73 -6.20
N GLN A 112 -4.22 -10.62 -6.75
CA GLN A 112 -3.21 -11.26 -5.92
C GLN A 112 -2.07 -10.31 -5.56
N GLY A 113 -2.00 -9.15 -6.20
CA GLY A 113 -0.95 -8.19 -5.92
C GLY A 113 0.26 -8.36 -6.80
N THR A 114 0.87 -7.25 -7.19
CA THR A 114 2.09 -7.26 -8.00
C THR A 114 3.20 -6.57 -7.20
N LEU A 115 4.31 -7.27 -7.04
CA LEU A 115 5.46 -6.73 -6.31
C LEU A 115 6.37 -5.99 -7.30
N VAL A 116 6.70 -4.75 -6.97
CA VAL A 116 7.61 -3.94 -7.76
C VAL A 116 8.78 -3.55 -6.88
N THR A 117 9.98 -4.00 -7.24
CA THR A 117 11.20 -3.69 -6.50
C THR A 117 11.99 -2.66 -7.30
N VAL A 118 12.24 -1.50 -6.69
CA VAL A 118 13.01 -0.43 -7.30
C VAL A 118 14.38 -0.44 -6.65
N SER A 119 15.41 -0.80 -7.42
CA SER A 119 16.76 -0.89 -6.90
C SER A 119 17.75 -0.76 -8.05
N SER A 120 18.93 -0.22 -7.72
CA SER A 120 20.01 -0.12 -8.69
C SER A 120 20.85 -1.39 -8.77
N ALA A 121 20.64 -2.33 -7.86
CA ALA A 121 21.46 -3.53 -7.83
C ALA A 121 21.16 -4.44 -9.02
N SER A 122 22.13 -5.28 -9.35
CA SER A 122 22.00 -6.28 -10.40
C SER A 122 21.88 -7.66 -9.79
N THR A 123 21.39 -8.61 -10.58
CA THR A 123 21.25 -9.98 -10.12
C THR A 123 22.58 -10.53 -9.64
N LYS A 124 22.58 -11.09 -8.43
CA LYS A 124 23.80 -11.61 -7.84
C LYS A 124 23.46 -12.80 -6.95
N GLY A 125 24.22 -13.88 -7.10
CA GLY A 125 24.03 -15.06 -6.29
C GLY A 125 24.53 -14.85 -4.87
N PRO A 126 24.01 -15.63 -3.93
CA PRO A 126 24.42 -15.49 -2.53
C PRO A 126 25.74 -16.18 -2.24
N SER A 127 26.39 -15.69 -1.20
CA SER A 127 27.55 -16.35 -0.59
C SER A 127 27.12 -16.97 0.72
N VAL A 128 27.40 -18.25 0.90
CA VAL A 128 26.95 -19.00 2.07
C VAL A 128 28.15 -19.26 2.97
N PHE A 129 28.02 -18.86 4.23
CA PHE A 129 29.05 -19.08 5.24
C PHE A 129 28.48 -19.86 6.42
N PRO A 130 29.28 -20.71 7.05
CA PRO A 130 28.76 -21.51 8.16
C PRO A 130 28.63 -20.69 9.43
N LEU A 131 27.73 -21.16 10.31
CA LEU A 131 27.62 -20.69 11.69
C LEU A 131 27.88 -21.91 12.56
N ALA A 132 29.15 -22.17 12.82
CA ALA A 132 29.54 -23.42 13.46
C ALA A 132 29.17 -23.42 14.94
N PRO A 133 28.74 -24.56 15.48
CA PRO A 133 28.53 -24.64 16.93
C PRO A 133 29.85 -24.61 17.68
N SER A 134 29.78 -24.16 18.94
CA SER A 134 30.96 -24.02 19.77
C SER A 134 30.64 -24.41 21.20
N SER A 135 31.67 -24.83 21.92
CA SER A 135 31.57 -25.23 23.33
C SER A 135 30.45 -26.24 23.55
N SER A 139 24.04 -24.07 25.28
CA SER A 139 22.85 -23.95 26.11
C SER A 139 22.39 -25.33 26.62
N GLY A 140 22.99 -25.76 27.72
CA GLY A 140 22.66 -27.07 28.27
C GLY A 140 23.07 -28.17 27.31
N GLY A 141 22.14 -29.10 27.06
CA GLY A 141 22.36 -30.20 26.16
C GLY A 141 21.99 -29.91 24.71
N THR A 142 21.66 -28.66 24.39
CA THR A 142 21.25 -28.28 23.04
C THR A 142 22.30 -27.36 22.42
N ALA A 143 22.63 -27.62 21.17
CA ALA A 143 23.59 -26.81 20.42
C ALA A 143 22.91 -26.15 19.24
N ALA A 144 23.39 -24.95 18.88
CA ALA A 144 22.83 -24.17 17.79
C ALA A 144 23.86 -23.99 16.69
N LEU A 145 23.42 -24.16 15.45
CA LEU A 145 24.26 -23.96 14.28
C LEU A 145 23.39 -23.43 13.15
N GLY A 146 24.03 -22.90 12.13
CA GLY A 146 23.26 -22.34 11.03
C GLY A 146 24.13 -21.99 9.85
N CYS A 147 23.51 -21.27 8.91
CA CYS A 147 24.17 -20.81 7.69
C CYS A 147 23.86 -19.34 7.48
N LEU A 148 24.85 -18.60 6.99
CA LEU A 148 24.70 -17.19 6.68
C LEU A 148 24.66 -17.01 5.17
N VAL A 149 23.52 -16.53 4.67
CA VAL A 149 23.29 -16.32 3.25
C VAL A 149 23.36 -14.82 3.01
N LYS A 150 24.39 -14.36 2.31
CA LYS A 150 24.74 -12.95 2.27
C LYS A 150 24.92 -12.46 0.84
N ASP A 151 24.52 -11.20 0.61
CA ASP A 151 24.82 -10.45 -0.61
C ASP A 151 24.24 -11.12 -1.85
N TYR A 152 22.91 -11.21 -1.89
CA TYR A 152 22.20 -11.73 -3.05
C TYR A 152 21.11 -10.74 -3.45
N PHE A 153 20.74 -10.80 -4.74
CA PHE A 153 19.68 -9.95 -5.29
C PHE A 153 19.15 -10.60 -6.54
N PRO A 154 17.83 -10.63 -6.76
CA PRO A 154 16.83 -10.17 -5.79
C PRO A 154 16.34 -11.32 -4.92
N GLU A 155 15.26 -11.07 -4.18
CA GLU A 155 14.59 -12.11 -3.43
C GLU A 155 13.80 -13.02 -4.38
N PRO A 156 13.48 -14.25 -3.96
CA PRO A 156 13.79 -14.85 -2.66
C PRO A 156 14.94 -15.87 -2.69
N VAL A 157 15.30 -16.34 -1.50
CA VAL A 157 16.24 -17.44 -1.33
C VAL A 157 15.58 -18.47 -0.43
N THR A 158 15.64 -19.74 -0.83
CA THR A 158 15.12 -20.84 -0.05
C THR A 158 16.25 -21.56 0.65
N VAL A 159 15.98 -22.04 1.86
CA VAL A 159 16.95 -22.78 2.65
C VAL A 159 16.30 -24.07 3.15
N SER A 160 17.04 -25.17 3.05
CA SER A 160 16.61 -26.45 3.59
C SER A 160 17.80 -27.11 4.27
N TRP A 161 17.52 -27.97 5.24
CA TRP A 161 18.55 -28.65 6.02
C TRP A 161 18.46 -30.15 5.80
N ASN A 162 19.58 -30.76 5.40
CA ASN A 162 19.67 -32.19 5.10
C ASN A 162 18.59 -32.62 4.11
N SER A 163 18.37 -31.78 3.10
CA SER A 163 17.42 -32.07 2.02
C SER A 163 16.04 -32.44 2.56
N GLY A 164 15.60 -31.71 3.57
CA GLY A 164 14.31 -31.95 4.18
C GLY A 164 14.27 -33.00 5.27
N ALA A 165 15.40 -33.63 5.58
CA ALA A 165 15.42 -34.63 6.65
C ALA A 165 15.36 -33.97 8.02
N LEU A 166 15.90 -32.77 8.16
CA LEU A 166 15.92 -32.03 9.42
C LEU A 166 15.01 -30.81 9.28
N THR A 167 13.89 -30.83 10.00
CA THR A 167 12.92 -29.74 9.93
C THR A 167 12.59 -29.15 11.29
N SER A 168 12.52 -29.97 12.34
CA SER A 168 12.21 -29.45 13.66
C SER A 168 13.36 -28.61 14.20
N GLY A 169 13.02 -27.47 14.80
CA GLY A 169 14.01 -26.58 15.35
C GLY A 169 14.66 -25.65 14.34
N VAL A 170 14.21 -25.66 13.09
CA VAL A 170 14.77 -24.81 12.05
C VAL A 170 14.05 -23.47 12.04
N HIS A 171 14.82 -22.38 12.05
CA HIS A 171 14.29 -21.05 11.89
C HIS A 171 15.06 -20.35 10.77
N THR A 172 14.36 -19.98 9.71
CA THR A 172 14.92 -19.21 8.61
C THR A 172 14.38 -17.79 8.72
N PHE A 173 15.25 -16.84 9.01
CA PHE A 173 14.83 -15.48 9.27
C PHE A 173 14.47 -14.75 7.96
N PRO A 174 13.57 -13.78 8.02
CA PRO A 174 13.30 -12.96 6.84
C PRO A 174 14.54 -12.21 6.40
N ALA A 175 14.65 -11.98 5.10
CA ALA A 175 15.78 -11.25 4.56
C ALA A 175 15.76 -9.80 5.03
N VAL A 176 16.96 -9.22 5.16
CA VAL A 176 17.13 -7.81 5.48
C VAL A 176 17.87 -7.15 4.33
N LEU A 177 17.48 -5.92 4.01
CA LEU A 177 18.11 -5.17 2.93
C LEU A 177 19.29 -4.39 3.50
N GLN A 178 20.49 -4.73 3.04
CA GLN A 178 21.69 -4.06 3.50
C GLN A 178 21.85 -2.71 2.81
N SER A 179 22.78 -1.90 3.32
CA SER A 179 23.04 -0.59 2.75
C SER A 179 23.61 -0.69 1.34
N SER A 180 24.17 -1.84 0.97
CA SER A 180 24.75 -2.03 -0.36
C SER A 180 23.70 -2.36 -1.41
N GLY A 181 22.42 -2.46 -1.04
CA GLY A 181 21.38 -2.86 -1.96
C GLY A 181 21.22 -4.35 -2.12
N LEU A 182 21.96 -5.15 -1.37
CA LEU A 182 21.91 -6.61 -1.44
C LEU A 182 21.23 -7.17 -0.21
N TYR A 183 20.47 -8.25 -0.40
CA TYR A 183 19.76 -8.89 0.70
C TYR A 183 20.65 -9.91 1.40
N SER A 184 20.26 -10.25 2.63
CA SER A 184 21.01 -11.19 3.44
C SER A 184 20.08 -11.77 4.50
N LEU A 185 20.31 -13.04 4.84
CA LEU A 185 19.51 -13.70 5.87
C LEU A 185 20.34 -14.82 6.49
N SER A 186 19.78 -15.42 7.53
CA SER A 186 20.37 -16.58 8.17
C SER A 186 19.30 -17.64 8.40
N SER A 187 19.72 -18.89 8.40
CA SER A 187 18.89 -20.01 8.82
C SER A 187 19.63 -20.76 9.91
N VAL A 188 18.94 -21.05 11.00
CA VAL A 188 19.55 -21.68 12.17
C VAL A 188 18.71 -22.88 12.58
N VAL A 189 19.34 -23.79 13.33
CA VAL A 189 18.68 -24.98 13.84
C VAL A 189 19.33 -25.36 15.16
N THR A 190 18.52 -25.85 16.09
CA THR A 190 19.00 -26.36 17.37
C THR A 190 18.99 -27.88 17.32
N VAL A 191 20.11 -28.49 17.69
CA VAL A 191 20.28 -29.94 17.65
C VAL A 191 20.91 -30.39 18.95
N PRO A 192 20.72 -31.67 19.32
CA PRO A 192 21.40 -32.20 20.51
C PRO A 192 22.92 -32.07 20.38
N SER A 193 23.55 -31.73 21.50
CA SER A 193 25.01 -31.58 21.51
C SER A 193 25.72 -32.90 21.24
N SER A 194 25.12 -34.02 21.64
CA SER A 194 25.72 -35.32 21.40
C SER A 194 25.82 -35.65 19.92
N SER A 195 24.90 -35.10 19.11
CA SER A 195 24.89 -35.39 17.68
C SER A 195 26.02 -34.72 16.92
N LEU A 196 26.71 -33.74 17.53
CA LEU A 196 27.84 -33.11 16.87
C LEU A 196 28.99 -34.10 16.72
N GLY A 197 29.53 -34.20 15.51
CA GLY A 197 30.59 -35.13 15.23
C GLY A 197 30.15 -36.50 14.75
N THR A 198 28.86 -36.80 14.84
CA THR A 198 28.30 -38.05 14.32
C THR A 198 27.17 -37.85 13.32
N GLN A 199 26.49 -36.71 13.35
CA GLN A 199 25.44 -36.37 12.39
C GLN A 199 25.93 -35.20 11.56
N THR A 200 25.93 -35.38 10.23
CA THR A 200 26.34 -34.31 9.32
C THR A 200 25.18 -33.36 9.10
N TYR A 201 25.47 -32.06 9.16
CA TYR A 201 24.46 -31.03 8.97
C TYR A 201 24.83 -30.18 7.75
N ILE A 202 23.93 -30.16 6.77
CA ILE A 202 24.14 -29.46 5.51
C ILE A 202 22.92 -28.57 5.26
N CYS A 203 23.17 -27.30 4.95
CA CYS A 203 22.11 -26.38 4.57
C CYS A 203 22.09 -26.26 3.06
N ASN A 204 20.89 -26.33 2.48
CA ASN A 204 20.71 -26.33 1.03
C ASN A 204 20.12 -24.98 0.63
N VAL A 205 20.91 -24.17 -0.06
CA VAL A 205 20.54 -22.80 -0.41
C VAL A 205 20.32 -22.74 -1.92
N ASN A 206 19.15 -22.24 -2.31
CA ASN A 206 18.81 -22.05 -3.72
C ASN A 206 18.43 -20.59 -3.96
N HIS A 207 18.89 -20.05 -5.08
CA HIS A 207 18.56 -18.69 -5.51
C HIS A 207 18.17 -18.79 -6.98
N LYS A 208 16.86 -18.92 -7.23
CA LYS A 208 16.35 -19.07 -8.59
C LYS A 208 16.77 -17.95 -9.54
N PRO A 209 16.70 -16.66 -9.17
CA PRO A 209 17.05 -15.61 -10.16
C PRO A 209 18.46 -15.72 -10.69
N SER A 210 19.43 -16.16 -9.89
CA SER A 210 20.81 -16.30 -10.34
C SER A 210 21.17 -17.73 -10.71
N ASN A 211 20.23 -18.67 -10.60
CA ASN A 211 20.47 -20.08 -10.90
C ASN A 211 21.66 -20.61 -10.11
N THR A 212 21.76 -20.19 -8.85
CA THR A 212 22.81 -20.64 -7.95
C THR A 212 22.24 -21.62 -6.94
N LYS A 213 22.96 -22.72 -6.73
CA LYS A 213 22.56 -23.76 -5.79
C LYS A 213 23.79 -24.16 -4.99
N VAL A 214 23.73 -23.96 -3.68
CA VAL A 214 24.86 -24.17 -2.78
C VAL A 214 24.45 -25.16 -1.70
N ASP A 215 25.27 -26.19 -1.50
CA ASP A 215 25.11 -27.15 -0.42
C ASP A 215 26.33 -27.03 0.49
N LYS A 216 26.15 -26.39 1.64
CA LYS A 216 27.24 -26.11 2.57
C LYS A 216 27.13 -26.99 3.80
N LYS A 217 28.20 -27.68 4.13
CA LYS A 217 28.26 -28.50 5.34
C LYS A 217 28.77 -27.67 6.51
N VAL A 218 28.05 -27.73 7.62
CA VAL A 218 28.40 -26.98 8.83
C VAL A 218 29.08 -27.95 9.78
N GLU A 219 30.30 -27.62 10.18
CA GLU A 219 31.10 -28.53 11.00
C GLU A 219 31.50 -27.86 12.30
N PRO A 220 31.57 -28.62 13.39
CA PRO A 220 31.94 -28.03 14.69
C PRO A 220 33.34 -27.47 14.68
N LYS A 221 33.52 -26.39 15.45
CA LYS A 221 34.81 -25.73 15.61
C LYS A 221 35.45 -25.35 14.28
N GLU B 1 -7.77 16.75 6.14
CA GLU B 1 -7.19 15.41 6.08
C GLU B 1 -7.71 14.53 7.21
N ILE B 2 -8.53 13.54 6.86
CA ILE B 2 -9.06 12.61 7.84
C ILE B 2 -8.03 11.53 8.12
N VAL B 3 -7.73 11.29 9.39
CA VAL B 3 -6.78 10.28 9.81
C VAL B 3 -7.52 9.23 10.62
N MET B 4 -7.32 7.97 10.27
CA MET B 4 -7.88 6.85 11.03
C MET B 4 -6.78 6.27 11.92
N THR B 5 -7.01 6.27 13.23
CA THR B 5 -6.06 5.77 14.20
C THR B 5 -6.59 4.49 14.82
N GLN B 6 -5.85 3.40 14.66
CA GLN B 6 -6.20 2.11 15.25
C GLN B 6 -5.36 1.87 16.49
N SER B 7 -5.99 1.35 17.53
CA SER B 7 -5.30 0.97 18.75
C SER B 7 -5.84 -0.37 19.23
N PRO B 8 -4.97 -1.23 19.80
CA PRO B 8 -3.53 -1.04 19.93
C PRO B 8 -2.79 -1.31 18.62
N ALA B 9 -1.50 -0.95 18.56
CA ALA B 9 -0.71 -1.31 17.39
C ALA B 9 -0.60 -2.82 17.24
N THR B 10 -0.41 -3.53 18.35
CA THR B 10 -0.41 -4.99 18.38
C THR B 10 -1.30 -5.44 19.52
N LEU B 11 -2.15 -6.43 19.25
CA LEU B 11 -3.08 -6.97 20.24
C LEU B 11 -2.71 -8.42 20.52
N SER B 12 -2.31 -8.70 21.76
CA SER B 12 -1.98 -10.05 22.20
C SER B 12 -3.19 -10.64 22.91
N VAL B 13 -3.73 -11.72 22.36
CA VAL B 13 -4.94 -12.36 22.86
C VAL B 13 -4.65 -13.84 23.06
N SER B 14 -5.00 -14.36 24.23
CA SER B 14 -4.90 -15.79 24.45
C SER B 14 -5.89 -16.52 23.54
N PRO B 15 -5.52 -17.68 23.00
CA PRO B 15 -6.40 -18.37 22.04
C PRO B 15 -7.76 -18.67 22.64
N GLY B 16 -8.81 -18.47 21.83
CA GLY B 16 -10.17 -18.73 22.23
C GLY B 16 -10.86 -17.61 22.98
N GLU B 17 -10.21 -16.46 23.14
CA GLU B 17 -10.76 -15.36 23.93
C GLU B 17 -11.25 -14.24 23.02
N ARG B 18 -11.95 -13.29 23.62
CA ARG B 18 -12.52 -12.17 22.90
C ARG B 18 -11.44 -11.12 22.63
N ALA B 19 -11.50 -10.52 21.43
CA ALA B 19 -10.59 -9.46 21.05
C ALA B 19 -11.39 -8.23 20.62
N THR B 20 -10.93 -7.05 21.04
CA THR B 20 -11.59 -5.79 20.72
C THR B 20 -10.57 -4.87 20.06
N LEU B 21 -10.83 -4.50 18.81
CA LEU B 21 -9.95 -3.62 18.05
C LEU B 21 -10.64 -2.26 17.91
N SER B 22 -9.89 -1.20 18.15
CA SER B 22 -10.40 0.17 18.10
C SER B 22 -9.92 0.87 16.84
N CYS B 23 -10.67 1.89 16.43
CA CYS B 23 -10.37 2.65 15.23
C CYS B 23 -10.99 4.02 15.41
N ARG B 24 -10.15 5.03 15.62
CA ARG B 24 -10.61 6.38 15.93
C ARG B 24 -10.33 7.31 14.77
N ALA B 25 -11.34 8.08 14.37
CA ALA B 25 -11.19 9.07 13.31
C ALA B 25 -10.85 10.42 13.91
N SER B 26 -9.99 11.17 13.20
CA SER B 26 -9.55 12.47 13.71
C SER B 26 -10.72 13.43 13.83
N GLN B 27 -11.64 13.41 12.88
CA GLN B 27 -12.85 14.22 12.93
C GLN B 27 -14.05 13.31 12.66
N SER B 28 -15.23 13.79 13.05
CA SER B 28 -16.44 13.00 12.91
C SER B 28 -16.71 12.71 11.43
N VAL B 29 -17.02 11.45 11.13
CA VAL B 29 -17.24 11.00 9.77
C VAL B 29 -18.54 10.20 9.73
N SER B 30 -19.05 10.02 8.51
CA SER B 30 -20.25 9.23 8.31
C SER B 30 -20.01 7.78 8.71
N SER B 31 -21.10 7.06 9.00
CA SER B 31 -20.99 5.68 9.43
C SER B 31 -20.81 4.77 8.23
N ASN B 32 -19.83 5.08 7.39
CA ASN B 32 -19.47 4.28 6.22
C ASN B 32 -18.04 3.80 6.46
N LEU B 33 -17.90 2.69 7.17
CA LEU B 33 -16.60 2.18 7.57
C LEU B 33 -16.53 0.68 7.30
N ALA B 34 -15.35 0.22 6.89
CA ALA B 34 -15.15 -1.17 6.54
C ALA B 34 -13.93 -1.73 7.27
N TRP B 35 -13.99 -3.02 7.58
CA TRP B 35 -12.90 -3.73 8.23
C TRP B 35 -12.37 -4.81 7.30
N TYR B 36 -11.04 -4.90 7.18
CA TYR B 36 -10.39 -5.87 6.34
C TYR B 36 -9.45 -6.74 7.17
N GLN B 37 -9.34 -8.01 6.77
CA GLN B 37 -8.38 -8.95 7.35
C GLN B 37 -7.34 -9.29 6.30
N GLN B 38 -6.07 -9.29 6.71
CA GLN B 38 -4.96 -9.63 5.82
C GLN B 38 -4.03 -10.62 6.51
N LYS B 39 -4.04 -11.86 6.06
CA LYS B 39 -3.04 -12.83 6.44
C LYS B 39 -1.77 -12.63 5.62
N PRO B 40 -0.60 -12.99 6.16
CA PRO B 40 0.65 -12.74 5.43
C PRO B 40 0.68 -13.45 4.08
N GLY B 41 1.22 -12.75 3.08
CA GLY B 41 1.30 -13.29 1.74
C GLY B 41 0.01 -13.25 0.94
N GLN B 42 -1.01 -12.56 1.42
CA GLN B 42 -2.31 -12.55 0.77
C GLN B 42 -2.85 -11.12 0.69
N ALA B 43 -3.78 -10.92 -0.24
CA ALA B 43 -4.50 -9.68 -0.34
C ALA B 43 -5.47 -9.54 0.84
N PRO B 44 -5.87 -8.31 1.18
CA PRO B 44 -6.86 -8.13 2.24
C PRO B 44 -8.20 -8.76 1.88
N ARG B 45 -8.90 -9.23 2.91
CA ARG B 45 -10.23 -9.79 2.77
C ARG B 45 -11.22 -8.92 3.52
N LEU B 46 -12.31 -8.55 2.85
CA LEU B 46 -13.33 -7.72 3.47
C LEU B 46 -14.08 -8.51 4.54
N LEU B 47 -14.24 -7.90 5.72
CA LEU B 47 -14.98 -8.50 6.83
C LEU B 47 -16.30 -7.79 7.10
N ILE B 48 -16.24 -6.48 7.32
CA ILE B 48 -17.41 -5.68 7.69
C ILE B 48 -17.50 -4.50 6.73
N TYR B 49 -18.73 -4.13 6.38
CA TYR B 49 -18.97 -2.89 5.65
C TYR B 49 -20.21 -2.22 6.25
N GLY B 50 -20.32 -0.91 6.04
CA GLY B 50 -21.40 -0.17 6.67
C GLY B 50 -21.33 -0.12 8.18
N THR B 51 -20.14 -0.37 8.74
CA THR B 51 -19.80 -0.27 10.16
C THR B 51 -20.40 -1.41 10.98
N SER B 52 -21.37 -2.14 10.44
CA SER B 52 -21.93 -3.25 11.19
C SER B 52 -22.35 -4.46 10.35
N THR B 53 -22.16 -4.44 9.03
CA THR B 53 -22.70 -5.48 8.17
C THR B 53 -21.59 -6.41 7.72
N ARG B 54 -21.76 -7.70 7.96
CA ARG B 54 -20.77 -8.68 7.56
C ARG B 54 -20.83 -8.91 6.05
N ALA B 55 -19.65 -9.05 5.45
CA ALA B 55 -19.58 -9.48 4.07
C ALA B 55 -20.02 -10.94 3.95
N THR B 56 -20.31 -11.36 2.73
CA THR B 56 -20.81 -12.71 2.50
C THR B 56 -19.75 -13.74 2.89
N GLY B 57 -20.17 -14.75 3.64
CA GLY B 57 -19.29 -15.83 4.05
C GLY B 57 -18.45 -15.57 5.28
N ILE B 58 -18.51 -14.37 5.85
CA ILE B 58 -17.69 -14.05 7.03
C ILE B 58 -18.35 -14.68 8.26
N PRO B 59 -17.58 -15.41 9.08
CA PRO B 59 -18.18 -16.09 10.23
C PRO B 59 -18.83 -15.12 11.21
N ALA B 60 -19.83 -15.63 11.92
CA ALA B 60 -20.65 -14.79 12.80
C ALA B 60 -19.86 -14.20 13.97
N ARG B 61 -18.69 -14.75 14.30
CA ARG B 61 -17.93 -14.24 15.43
C ARG B 61 -17.35 -12.87 15.18
N PHE B 62 -17.37 -12.37 13.94
CA PHE B 62 -16.93 -11.02 13.62
C PHE B 62 -18.12 -10.07 13.66
N SER B 63 -17.99 -8.98 14.40
CA SER B 63 -19.05 -7.98 14.50
C SER B 63 -18.44 -6.60 14.52
N GLY B 64 -19.15 -5.64 13.92
CA GLY B 64 -18.70 -4.26 13.88
C GLY B 64 -19.68 -3.35 14.59
N SER B 65 -19.14 -2.23 15.09
CA SER B 65 -19.95 -1.24 15.79
C SER B 65 -19.20 0.08 15.81
N GLY B 66 -19.90 1.12 16.23
CA GLY B 66 -19.31 2.45 16.35
C GLY B 66 -20.17 3.51 15.70
N SER B 67 -19.81 4.76 16.01
CA SER B 67 -20.51 5.94 15.50
C SER B 67 -19.68 7.17 15.82
N GLY B 68 -19.68 8.13 14.91
CA GLY B 68 -18.95 9.36 15.12
C GLY B 68 -17.47 9.24 14.88
N THR B 69 -16.68 9.24 15.96
CA THR B 69 -15.23 9.14 15.86
C THR B 69 -14.68 7.84 16.42
N GLU B 70 -15.53 6.95 16.92
CA GLU B 70 -15.08 5.71 17.53
C GLU B 70 -15.76 4.53 16.86
N PHE B 71 -14.95 3.56 16.41
CA PHE B 71 -15.45 2.36 15.75
C PHE B 71 -14.70 1.15 16.29
N THR B 72 -15.41 0.03 16.44
CA THR B 72 -14.87 -1.14 17.12
C THR B 72 -15.16 -2.40 16.31
N LEU B 73 -14.15 -3.25 16.14
CA LEU B 73 -14.31 -4.59 15.62
C LEU B 73 -14.14 -5.60 16.74
N THR B 74 -15.05 -6.55 16.83
CA THR B 74 -15.07 -7.51 17.92
C THR B 74 -15.07 -8.94 17.36
N ILE B 75 -14.16 -9.76 17.86
CA ILE B 75 -14.12 -11.19 17.56
C ILE B 75 -14.48 -11.92 18.85
N SER B 76 -15.63 -12.59 18.84
CA SER B 76 -16.17 -13.15 20.09
C SER B 76 -15.25 -14.22 20.66
N SER B 77 -14.72 -15.09 19.81
CA SER B 77 -13.84 -16.19 20.26
C SER B 77 -12.77 -16.38 19.20
N LEU B 78 -11.52 -16.04 19.55
CA LEU B 78 -10.42 -16.14 18.60
C LEU B 78 -10.18 -17.60 18.21
N GLN B 79 -9.87 -17.81 16.94
CA GLN B 79 -9.48 -19.12 16.42
C GLN B 79 -8.14 -18.97 15.71
N SER B 80 -7.56 -20.11 15.33
CA SER B 80 -6.19 -20.11 14.82
C SER B 80 -6.07 -19.24 13.57
N GLU B 81 -7.03 -19.33 12.65
CA GLU B 81 -6.98 -18.56 11.43
C GLU B 81 -7.30 -17.07 11.65
N ASP B 82 -7.79 -16.70 12.83
CA ASP B 82 -8.19 -15.31 13.08
C ASP B 82 -7.01 -14.40 13.41
N PHE B 83 -5.83 -14.95 13.67
CA PHE B 83 -4.67 -14.13 14.02
C PHE B 83 -4.05 -13.57 12.74
N ALA B 84 -4.22 -12.27 12.52
CA ALA B 84 -3.73 -11.62 11.31
C ALA B 84 -3.68 -10.11 11.57
N VAL B 85 -3.50 -9.34 10.50
CA VAL B 85 -3.52 -7.88 10.55
C VAL B 85 -4.90 -7.40 10.10
N TYR B 86 -5.45 -6.42 10.82
CA TYR B 86 -6.78 -5.90 10.56
C TYR B 86 -6.70 -4.41 10.26
N TYR B 87 -7.40 -3.98 9.21
CA TYR B 87 -7.43 -2.58 8.80
C TYR B 87 -8.87 -2.08 8.81
N CYS B 88 -9.07 -0.88 9.32
CA CYS B 88 -10.33 -0.16 9.14
C CYS B 88 -10.17 0.85 8.02
N GLN B 89 -11.27 1.14 7.33
CA GLN B 89 -11.24 1.98 6.14
C GLN B 89 -12.47 2.86 6.10
N GLN B 90 -12.25 4.14 5.79
CA GLN B 90 -13.34 5.08 5.52
C GLN B 90 -12.99 5.84 4.25
N TYR B 91 -13.68 5.52 3.17
CA TYR B 91 -13.46 6.12 1.84
C TYR B 91 -12.01 5.86 1.45
N GLU B 92 -11.23 6.89 1.12
CA GLU B 92 -9.88 6.73 0.57
C GLU B 92 -8.82 6.45 1.63
N THR B 93 -9.12 6.61 2.91
CA THR B 93 -8.13 6.57 3.97
C THR B 93 -8.22 5.25 4.74
N PHE B 94 -7.08 4.62 4.97
CA PHE B 94 -6.95 3.39 5.73
C PHE B 94 -6.32 3.66 7.09
N GLY B 95 -6.55 2.74 8.01
CA GLY B 95 -5.80 2.75 9.25
C GLY B 95 -4.44 2.10 9.09
N GLN B 96 -3.54 2.41 10.02
CA GLN B 96 -2.19 1.86 9.95
C GLN B 96 -2.18 0.36 10.23
N GLY B 97 -3.24 -0.18 10.79
CA GLY B 97 -3.37 -1.61 10.98
C GLY B 97 -3.09 -2.05 12.41
N THR B 98 -3.80 -3.09 12.84
CA THR B 98 -3.60 -3.71 14.14
C THR B 98 -3.34 -5.19 13.93
N LYS B 99 -2.24 -5.68 14.50
CA LYS B 99 -1.87 -7.09 14.39
C LYS B 99 -2.34 -7.83 15.62
N VAL B 100 -3.12 -8.89 15.42
CA VAL B 100 -3.60 -9.75 16.49
C VAL B 100 -2.70 -10.96 16.55
N GLU B 101 -1.99 -11.14 17.67
CA GLU B 101 -1.02 -12.21 17.81
C GLU B 101 -1.44 -13.12 18.97
N ILE B 102 -0.85 -14.31 18.97
CA ILE B 102 -1.15 -15.32 19.99
C ILE B 102 -0.43 -14.96 21.27
N LYS B 103 -1.17 -14.91 22.38
CA LYS B 103 -0.59 -14.64 23.69
C LYS B 103 -0.39 -15.96 24.42
N ARG B 104 0.86 -16.25 24.78
CA ARG B 104 1.22 -17.45 25.50
C ARG B 104 2.05 -17.07 26.72
N THR B 105 2.46 -18.07 27.50
CA THR B 105 3.27 -17.83 28.67
C THR B 105 4.63 -17.28 28.26
N VAL B 106 5.25 -16.54 29.18
CA VAL B 106 6.57 -15.97 28.93
C VAL B 106 7.57 -17.09 28.74
N ALA B 107 8.42 -16.96 27.72
CA ALA B 107 9.49 -17.92 27.45
C ALA B 107 10.79 -17.16 27.31
N ALA B 108 11.79 -17.52 28.10
CA ALA B 108 13.08 -16.85 28.03
C ALA B 108 13.82 -17.27 26.77
N PRO B 109 14.53 -16.35 26.12
CA PRO B 109 15.31 -16.74 24.94
C PRO B 109 16.54 -17.55 25.32
N SER B 110 16.93 -18.44 24.41
CA SER B 110 18.23 -19.09 24.48
C SER B 110 19.17 -18.31 23.57
N VAL B 111 20.27 -17.82 24.15
CA VAL B 111 21.15 -16.87 23.47
C VAL B 111 22.39 -17.60 22.98
N PHE B 112 22.73 -17.40 21.71
CA PHE B 112 23.94 -17.95 21.12
C PHE B 112 24.67 -16.84 20.38
N ILE B 113 25.98 -17.01 20.23
CA ILE B 113 26.82 -16.08 19.49
C ILE B 113 27.70 -16.88 18.55
N PHE B 114 27.95 -16.31 17.36
CA PHE B 114 28.71 -16.99 16.33
C PHE B 114 29.82 -16.07 15.84
N PRO B 115 31.08 -16.44 16.00
CA PRO B 115 32.16 -15.66 15.38
C PRO B 115 32.12 -15.80 13.87
N PRO B 116 32.64 -14.82 13.13
CA PRO B 116 32.69 -14.95 11.67
C PRO B 116 33.57 -16.11 11.25
N SER B 117 33.15 -16.77 10.17
CA SER B 117 33.94 -17.86 9.62
C SER B 117 35.20 -17.31 8.94
N ASP B 118 36.23 -18.16 8.88
CA ASP B 118 37.47 -17.75 8.23
C ASP B 118 37.28 -17.52 6.74
N GLU B 119 36.36 -18.24 6.10
CA GLU B 119 36.10 -18.03 4.69
C GLU B 119 35.58 -16.62 4.42
N GLN B 120 34.69 -16.13 5.27
CA GLN B 120 34.19 -14.77 5.10
C GLN B 120 35.27 -13.73 5.35
N LEU B 121 36.18 -14.01 6.28
CA LEU B 121 37.28 -13.08 6.54
C LEU B 121 38.18 -12.91 5.31
N LYS B 122 38.28 -13.93 4.46
CA LYS B 122 39.09 -13.80 3.26
C LYS B 122 38.54 -12.74 2.32
N SER B 123 37.25 -12.46 2.40
CA SER B 123 36.59 -11.49 1.53
C SER B 123 36.66 -10.06 2.05
N GLY B 124 37.30 -9.84 3.20
CA GLY B 124 37.45 -8.51 3.76
C GLY B 124 36.29 -8.03 4.62
N THR B 125 35.31 -8.88 4.89
CA THR B 125 34.16 -8.52 5.70
C THR B 125 33.97 -9.55 6.80
N ALA B 126 33.44 -9.09 7.93
CA ALA B 126 33.21 -9.95 9.09
C ALA B 126 31.81 -9.71 9.63
N SER B 127 31.07 -10.79 9.84
CA SER B 127 29.71 -10.73 10.38
C SER B 127 29.64 -11.55 11.66
N VAL B 128 29.18 -10.92 12.73
CA VAL B 128 28.97 -11.58 14.02
C VAL B 128 27.47 -11.70 14.25
N VAL B 129 27.00 -12.91 14.53
CA VAL B 129 25.58 -13.20 14.67
C VAL B 129 25.28 -13.52 16.13
N CYS B 130 24.29 -12.82 16.68
CA CYS B 130 23.75 -13.12 18.01
C CYS B 130 22.33 -13.62 17.82
N LEU B 131 22.03 -14.80 18.37
CA LEU B 131 20.78 -15.49 18.12
C LEU B 131 19.95 -15.56 19.41
N LEU B 132 18.68 -15.16 19.31
CA LEU B 132 17.70 -15.32 20.38
C LEU B 132 16.66 -16.31 19.88
N ASN B 133 16.52 -17.44 20.57
CA ASN B 133 15.74 -18.56 20.07
C ASN B 133 14.56 -18.85 20.99
N ASN B 134 13.37 -18.91 20.39
CA ASN B 134 12.16 -19.43 21.05
C ASN B 134 11.82 -18.66 22.32
N PHE B 135 11.52 -17.37 22.14
CA PHE B 135 11.15 -16.51 23.25
C PHE B 135 9.81 -15.84 22.99
N TYR B 136 9.12 -15.51 24.08
CA TYR B 136 7.88 -14.73 24.04
C TYR B 136 7.84 -13.88 25.30
N PRO B 137 7.40 -12.61 25.20
CA PRO B 137 6.91 -11.90 24.01
C PRO B 137 8.00 -11.37 23.09
N ARG B 138 7.59 -10.70 22.02
CA ARG B 138 8.53 -10.25 20.99
C ARG B 138 9.50 -9.19 21.53
N GLU B 139 9.06 -8.38 22.50
CA GLU B 139 9.88 -7.29 22.98
C GLU B 139 11.19 -7.80 23.59
N ALA B 140 12.31 -7.43 22.97
CA ALA B 140 13.63 -7.84 23.44
C ALA B 140 14.63 -6.74 23.11
N LYS B 141 15.67 -6.64 23.93
CA LYS B 141 16.72 -5.65 23.78
C LYS B 141 18.04 -6.35 23.54
N VAL B 142 18.67 -6.08 22.41
CA VAL B 142 19.94 -6.67 22.03
C VAL B 142 20.92 -5.55 21.75
N GLN B 143 22.04 -5.54 22.47
CA GLN B 143 23.08 -4.53 22.32
C GLN B 143 24.42 -5.21 22.07
N TRP B 144 25.26 -4.55 21.27
CA TRP B 144 26.56 -5.06 20.91
C TRP B 144 27.65 -4.28 21.65
N LYS B 145 28.55 -5.00 22.31
CA LYS B 145 29.69 -4.41 23.00
C LYS B 145 30.96 -4.99 22.40
N VAL B 146 31.82 -4.11 21.88
CA VAL B 146 33.12 -4.50 21.35
C VAL B 146 34.17 -3.82 22.20
N ASP B 147 34.92 -4.60 22.98
CA ASP B 147 35.85 -4.08 23.99
C ASP B 147 35.12 -3.13 24.93
N ASN B 148 33.92 -3.54 25.36
CA ASN B 148 33.05 -2.80 26.27
C ASN B 148 32.52 -1.51 25.68
N ALA B 149 32.71 -1.28 24.39
CA ALA B 149 32.20 -0.10 23.71
C ALA B 149 30.90 -0.44 22.99
N LEU B 150 29.84 0.31 23.31
CA LEU B 150 28.54 0.05 22.72
C LEU B 150 28.57 0.39 21.23
N GLN B 151 28.02 -0.51 20.42
CA GLN B 151 27.97 -0.33 18.98
C GLN B 151 26.67 0.34 18.56
N SER B 152 26.76 1.14 17.49
CA SER B 152 25.59 1.87 17.00
C SER B 152 25.68 2.00 15.49
N GLY B 153 24.57 1.69 14.80
CA GLY B 153 24.48 1.89 13.38
C GLY B 153 25.13 0.83 12.51
N ASN B 154 25.69 -0.22 13.11
CA ASN B 154 26.37 -1.27 12.35
C ASN B 154 25.79 -2.64 12.65
N SER B 155 24.52 -2.70 13.02
CA SER B 155 23.85 -3.98 13.27
C SER B 155 22.45 -3.94 12.68
N GLN B 156 21.95 -5.11 12.30
CA GLN B 156 20.60 -5.28 11.78
C GLN B 156 19.97 -6.49 12.44
N GLU B 157 18.69 -6.37 12.77
CA GLU B 157 17.94 -7.42 13.44
C GLU B 157 16.86 -7.97 12.51
N SER B 158 16.69 -9.29 12.55
CA SER B 158 15.63 -9.97 11.82
C SER B 158 14.82 -10.80 12.80
N VAL B 159 13.49 -10.74 12.66
CA VAL B 159 12.57 -11.44 13.55
C VAL B 159 11.68 -12.34 12.72
N THR B 160 11.55 -13.59 13.14
CA THR B 160 10.63 -14.49 12.47
C THR B 160 9.20 -14.22 12.89
N GLU B 161 8.25 -14.68 12.08
CA GLU B 161 6.86 -14.67 12.49
C GLU B 161 6.64 -15.65 13.63
N GLN B 162 5.53 -15.48 14.33
CA GLN B 162 5.21 -16.36 15.46
C GLN B 162 5.16 -17.80 14.99
N ASP B 163 5.85 -18.67 15.73
CA ASP B 163 5.99 -20.07 15.33
C ASP B 163 4.62 -20.73 15.25
N SER B 164 4.45 -21.59 14.24
CA SER B 164 3.14 -22.21 14.01
C SER B 164 2.78 -23.23 15.07
N LYS B 165 3.74 -23.67 15.89
CA LYS B 165 3.51 -24.73 16.86
C LYS B 165 3.53 -24.24 18.30
N ASP B 166 4.59 -23.57 18.74
CA ASP B 166 4.67 -23.08 20.11
C ASP B 166 4.49 -21.58 20.23
N SER B 167 4.22 -20.88 19.13
CA SER B 167 3.86 -19.46 19.14
C SER B 167 4.97 -18.58 19.72
N THR B 168 6.23 -19.01 19.58
CA THR B 168 7.35 -18.21 20.06
C THR B 168 7.98 -17.43 18.90
N TYR B 169 8.90 -16.54 19.26
CA TYR B 169 9.67 -15.76 18.30
C TYR B 169 11.14 -16.16 18.36
N SER B 170 11.82 -15.93 17.26
CA SER B 170 13.27 -16.03 17.21
C SER B 170 13.82 -14.79 16.53
N LEU B 171 14.98 -14.34 16.99
CA LEU B 171 15.59 -13.09 16.52
C LEU B 171 17.07 -13.30 16.31
N SER B 172 17.59 -12.69 15.25
CA SER B 172 19.02 -12.67 14.98
C SER B 172 19.47 -11.22 14.81
N SER B 173 20.53 -10.86 15.51
CA SER B 173 21.19 -9.56 15.33
C SER B 173 22.55 -9.80 14.72
N THR B 174 22.82 -9.14 13.60
CA THR B 174 24.06 -9.31 12.86
C THR B 174 24.87 -8.03 12.93
N LEU B 175 26.09 -8.12 13.44
CA LEU B 175 27.02 -7.00 13.49
C LEU B 175 27.97 -7.13 12.30
N THR B 176 28.02 -6.09 11.47
CA THR B 176 28.81 -6.11 10.24
C THR B 176 29.99 -5.16 10.40
N LEU B 177 31.20 -5.70 10.26
CA LEU B 177 32.42 -4.92 10.35
C LEU B 177 33.36 -5.33 9.23
N SER B 178 34.25 -4.42 8.86
CA SER B 178 35.33 -4.76 7.94
C SER B 178 36.33 -5.66 8.65
N LYS B 179 37.13 -6.39 7.85
CA LYS B 179 38.16 -7.25 8.44
C LYS B 179 39.19 -6.43 9.21
N ALA B 180 39.50 -5.23 8.72
CA ALA B 180 40.44 -4.37 9.44
C ALA B 180 39.89 -3.97 10.80
N ASP B 181 38.63 -3.51 10.84
CA ASP B 181 38.05 -3.12 12.11
C ASP B 181 37.80 -4.31 13.02
N TYR B 182 37.48 -5.48 12.45
CA TYR B 182 37.19 -6.65 13.27
C TYR B 182 38.42 -7.10 14.05
N GLU B 183 39.59 -7.01 13.46
CA GLU B 183 40.82 -7.47 14.10
C GLU B 183 41.47 -6.41 14.98
N LYS B 184 40.89 -5.21 15.07
CA LYS B 184 41.41 -4.19 15.97
C LYS B 184 41.03 -4.46 17.43
N HIS B 185 40.01 -5.27 17.67
CA HIS B 185 39.51 -5.53 19.01
C HIS B 185 39.42 -7.03 19.24
N LYS B 186 39.32 -7.42 20.51
CA LYS B 186 39.43 -8.81 20.91
C LYS B 186 38.11 -9.43 21.35
N VAL B 187 37.39 -8.80 22.28
CA VAL B 187 36.21 -9.40 22.89
C VAL B 187 34.95 -8.83 22.25
N TYR B 188 34.08 -9.71 21.77
CA TYR B 188 32.81 -9.34 21.17
C TYR B 188 31.68 -9.98 21.98
N ALA B 189 30.70 -9.16 22.36
CA ALA B 189 29.60 -9.63 23.19
C ALA B 189 28.30 -8.99 22.74
N CYS B 190 27.21 -9.73 22.94
CA CYS B 190 25.87 -9.18 22.81
C CYS B 190 25.14 -9.33 24.13
N GLU B 191 24.45 -8.27 24.55
CA GLU B 191 23.67 -8.25 25.77
C GLU B 191 22.20 -8.35 25.42
N VAL B 192 21.52 -9.33 26.01
CA VAL B 192 20.12 -9.61 25.70
C VAL B 192 19.30 -9.33 26.95
N THR B 193 18.34 -8.41 26.83
CA THR B 193 17.41 -8.09 27.90
C THR B 193 16.01 -8.53 27.47
N HIS B 194 15.41 -9.43 28.25
CA HIS B 194 14.08 -9.93 27.95
C HIS B 194 13.31 -10.12 29.25
N GLN B 195 11.99 -9.97 29.14
CA GLN B 195 11.11 -10.09 30.31
C GLN B 195 11.26 -11.45 31.00
N GLY B 196 11.57 -12.49 30.24
CA GLY B 196 11.74 -13.82 30.80
C GLY B 196 13.07 -14.10 31.47
N LEU B 197 13.96 -13.11 31.51
CA LEU B 197 15.25 -13.24 32.16
C LEU B 197 15.29 -12.35 33.39
N SER B 198 15.66 -12.95 34.53
CA SER B 198 15.76 -12.18 35.76
C SER B 198 16.80 -11.07 35.63
N SER B 199 17.94 -11.38 35.02
CA SER B 199 18.98 -10.40 34.72
C SER B 199 19.45 -10.60 33.28
N PRO B 200 19.91 -9.54 32.62
CA PRO B 200 20.31 -9.66 31.21
C PRO B 200 21.41 -10.69 31.02
N VAL B 201 21.32 -11.41 29.90
CA VAL B 201 22.26 -12.48 29.56
C VAL B 201 23.26 -11.93 28.55
N THR B 202 24.54 -12.20 28.79
CA THR B 202 25.61 -11.79 27.89
C THR B 202 26.31 -13.03 27.34
N LYS B 203 26.40 -13.11 26.02
CA LYS B 203 27.20 -14.11 25.33
C LYS B 203 28.39 -13.42 24.68
N SER B 204 29.59 -13.93 24.92
CA SER B 204 30.80 -13.27 24.45
C SER B 204 31.81 -14.31 24.00
N PHE B 205 32.78 -13.85 23.20
CA PHE B 205 33.90 -14.68 22.80
C PHE B 205 35.10 -13.78 22.55
N ASN B 206 36.29 -14.37 22.64
CA ASN B 206 37.53 -13.71 22.30
C ASN B 206 37.91 -14.06 20.87
N ARG B 207 38.23 -13.04 20.07
CA ARG B 207 38.61 -13.28 18.68
C ARG B 207 39.85 -14.15 18.62
N GLY B 208 39.82 -15.18 17.77
CA GLY B 208 40.92 -16.10 17.61
C GLY B 208 40.90 -17.30 18.54
N GLU B 209 39.98 -17.34 19.50
CA GLU B 209 39.91 -18.47 20.43
C GLU B 209 38.68 -19.32 20.16
N ASP C 4 -11.60 40.53 -24.12
CA ASP C 4 -10.88 39.27 -24.16
C ASP C 4 -11.82 38.10 -23.91
N THR C 5 -11.65 37.03 -24.68
CA THR C 5 -12.49 35.84 -24.58
C THR C 5 -11.61 34.59 -24.46
N ILE C 6 -12.19 33.55 -23.88
CA ILE C 6 -11.55 32.25 -23.79
C ILE C 6 -11.94 31.45 -25.01
N THR C 7 -10.95 30.98 -25.77
CA THR C 7 -11.20 30.26 -27.01
C THR C 7 -10.98 28.77 -26.78
N LEU C 8 -12.00 27.97 -27.09
CA LEU C 8 -11.97 26.53 -26.86
C LEU C 8 -11.88 25.80 -28.20
N PRO C 9 -10.82 25.04 -28.46
CA PRO C 9 -10.74 24.29 -29.72
C PRO C 9 -11.79 23.20 -29.77
N CYS C 10 -12.54 23.16 -30.87
CA CYS C 10 -13.62 22.20 -31.05
C CYS C 10 -13.46 21.45 -32.36
N ARG C 11 -13.78 20.16 -32.35
CA ARG C 11 -13.70 19.32 -33.53
C ARG C 11 -14.91 18.39 -33.61
N PRO C 12 -15.69 18.44 -34.69
CA PRO C 12 -15.52 19.35 -35.83
C PRO C 12 -16.00 20.77 -35.52
N ALA C 13 -16.06 21.61 -36.54
CA ALA C 13 -16.46 23.00 -36.34
C ALA C 13 -17.94 23.08 -36.01
N PRO C 14 -18.32 23.62 -34.86
CA PRO C 14 -19.74 23.76 -34.53
C PRO C 14 -20.33 24.95 -35.26
N PRO C 15 -21.45 24.76 -35.95
CA PRO C 15 -22.09 25.88 -36.66
C PRO C 15 -22.60 26.93 -35.68
N PRO C 16 -22.77 28.17 -36.13
CA PRO C 16 -23.15 29.24 -35.18
C PRO C 16 -24.46 28.99 -34.47
N HIS C 17 -25.39 28.23 -35.07
CA HIS C 17 -26.67 27.98 -34.42
C HIS C 17 -26.56 27.01 -33.25
N CYS C 18 -25.40 26.38 -33.05
CA CYS C 18 -25.18 25.49 -31.92
C CYS C 18 -24.67 26.20 -30.68
N SER C 19 -24.49 27.52 -30.75
CA SER C 19 -24.13 28.28 -29.55
C SER C 19 -25.22 28.15 -28.51
N SER C 20 -24.82 27.93 -27.26
CA SER C 20 -25.76 27.60 -26.19
C SER C 20 -25.47 28.47 -24.97
N ASN C 21 -26.24 28.22 -23.91
CA ASN C 21 -26.04 28.84 -22.60
C ASN C 21 -25.48 27.78 -21.65
N ILE C 22 -24.37 28.12 -20.99
CA ILE C 22 -23.82 27.24 -19.96
C ILE C 22 -24.62 27.47 -18.68
N THR C 23 -25.41 26.47 -18.29
CA THR C 23 -26.27 26.59 -17.12
C THR C 23 -25.78 25.79 -15.93
N GLY C 24 -24.78 24.92 -16.10
CA GLY C 24 -24.34 24.11 -14.99
C GLY C 24 -23.06 23.37 -15.32
N LEU C 25 -22.44 22.85 -14.27
CA LEU C 25 -21.21 22.08 -14.37
C LEU C 25 -21.30 20.85 -13.48
N ILE C 26 -20.48 19.85 -13.78
CA ILE C 26 -20.33 18.67 -12.94
C ILE C 26 -18.85 18.47 -12.67
N LEU C 27 -18.49 18.28 -11.41
CA LEU C 27 -17.11 18.28 -10.98
C LEU C 27 -16.78 17.06 -10.14
N THR C 28 -15.50 16.72 -10.11
CA THR C 28 -14.95 15.70 -9.22
C THR C 28 -13.91 16.35 -8.31
N ARG C 29 -14.05 16.15 -7.01
CA ARG C 29 -13.06 16.63 -6.05
C ARG C 29 -11.92 15.61 -5.96
N GLN C 30 -10.68 16.10 -6.07
CA GLN C 30 -9.54 15.21 -6.09
C GLN C 30 -9.28 14.63 -4.70
N GLY C 31 -8.94 13.33 -4.67
CA GLY C 31 -8.67 12.66 -3.42
C GLY C 31 -7.26 12.90 -2.90
N GLY C 32 -7.03 12.44 -1.68
CA GLY C 32 -5.78 12.68 -1.00
C GLY C 32 -5.71 14.06 -0.36
N TYR C 33 -4.53 14.37 0.18
CA TYR C 33 -4.30 15.65 0.82
C TYR C 33 -2.88 16.10 0.54
N SER C 34 -2.66 17.41 0.63
CA SER C 34 -1.35 18.00 0.33
C SER C 34 -0.73 18.70 1.53
N ASN C 35 -1.21 18.44 2.74
CA ASN C 35 -0.76 19.15 3.95
C ASN C 35 -0.90 20.66 3.80
N ALA C 36 -1.94 21.09 3.09
CA ALA C 36 -2.20 22.51 2.86
C ALA C 36 -3.69 22.72 2.78
N ASN C 37 -4.10 23.98 2.97
CA ASN C 37 -5.52 24.34 2.97
C ASN C 37 -6.01 24.62 1.55
N THR C 38 -5.83 23.63 0.68
CA THR C 38 -6.24 23.71 -0.71
C THR C 38 -7.19 22.57 -1.03
N VAL C 39 -8.25 22.87 -1.78
CA VAL C 39 -9.18 21.87 -2.29
C VAL C 39 -9.17 21.98 -3.82
N ILE C 40 -8.96 20.85 -4.49
CA ILE C 40 -8.79 20.81 -5.94
C ILE C 40 -10.03 20.16 -6.56
N PHE C 41 -10.56 20.78 -7.61
CA PHE C 41 -11.69 20.26 -8.34
C PHE C 41 -11.33 20.17 -9.83
N ARG C 42 -11.84 19.14 -10.47
CA ARG C 42 -11.64 18.87 -11.89
C ARG C 42 -12.97 18.55 -12.54
N PRO C 43 -13.07 18.68 -13.86
CA PRO C 43 -14.27 18.18 -14.55
C PRO C 43 -14.48 16.71 -14.24
N SER C 44 -15.75 16.32 -14.08
CA SER C 44 -16.09 15.04 -13.49
C SER C 44 -15.41 13.89 -14.23
N GLY C 45 -14.82 12.99 -13.45
CA GLY C 45 -14.23 11.77 -13.94
C GLY C 45 -15.19 10.61 -14.06
N GLY C 46 -16.48 10.86 -13.86
CA GLY C 46 -17.50 9.84 -13.96
C GLY C 46 -17.98 9.65 -15.38
N ASP C 47 -19.17 9.07 -15.49
CA ASP C 47 -19.76 8.71 -16.78
C ASP C 47 -21.15 9.33 -16.86
N TRP C 48 -21.93 8.88 -17.84
CA TRP C 48 -23.28 9.41 -18.03
C TRP C 48 -24.13 9.27 -16.77
N ARG C 49 -23.81 8.29 -15.91
CA ARG C 49 -24.57 8.13 -14.67
C ARG C 49 -24.45 9.38 -13.79
N ASP C 50 -23.23 9.91 -13.65
CA ASP C 50 -23.06 11.12 -12.85
C ASP C 50 -23.81 12.29 -13.46
N ILE C 51 -23.74 12.42 -14.79
CA ILE C 51 -24.41 13.54 -15.46
C ILE C 51 -25.92 13.43 -15.32
N ALA C 52 -26.47 12.23 -15.51
CA ALA C 52 -27.92 12.05 -15.49
C ALA C 52 -28.50 12.36 -14.12
N ARG C 53 -27.80 11.97 -13.05
CA ARG C 53 -28.33 12.13 -11.70
C ARG C 53 -28.28 13.57 -11.19
N CYS C 54 -27.62 14.47 -11.92
CA CYS C 54 -27.64 15.87 -11.52
C CYS C 54 -29.04 16.47 -11.67
N GLN C 55 -29.76 16.05 -12.71
CA GLN C 55 -31.16 16.46 -12.92
C GLN C 55 -31.28 17.97 -13.13
N ILE C 56 -30.28 18.57 -13.77
CA ILE C 56 -30.31 19.99 -14.09
C ILE C 56 -30.01 20.19 -15.57
N ALA C 57 -30.17 19.14 -16.36
CA ALA C 57 -29.89 19.17 -17.79
C ALA C 57 -31.16 19.36 -18.59
N GLY C 58 -30.99 19.90 -19.79
CA GLY C 58 -32.06 20.09 -20.74
C GLY C 58 -32.17 18.95 -21.72
N THR C 59 -32.65 19.27 -22.93
CA THR C 59 -32.74 18.27 -23.98
C THR C 59 -31.38 17.99 -24.63
N VAL C 60 -30.39 18.85 -24.40
CA VAL C 60 -29.07 18.67 -24.98
C VAL C 60 -28.30 17.64 -24.16
N VAL C 61 -27.67 16.70 -24.85
CA VAL C 61 -26.79 15.73 -24.20
C VAL C 61 -25.37 16.31 -24.21
N SER C 62 -24.82 16.54 -23.03
CA SER C 62 -23.53 17.21 -22.93
C SER C 62 -22.72 16.64 -21.77
N THR C 63 -21.41 16.87 -21.82
CA THR C 63 -20.48 16.44 -20.79
C THR C 63 -19.68 17.62 -20.27
N GLN C 64 -19.40 17.61 -18.97
CA GLN C 64 -18.55 18.58 -18.27
C GLN C 64 -19.22 19.94 -18.14
N LEU C 65 -20.34 20.12 -18.83
CA LEU C 65 -21.03 21.41 -18.89
C LEU C 65 -22.46 21.14 -19.29
N PHE C 66 -23.41 21.69 -18.54
CA PHE C 66 -24.82 21.57 -18.88
C PHE C 66 -25.20 22.74 -19.78
N LEU C 67 -25.63 22.41 -21.00
CA LEU C 67 -26.01 23.40 -22.00
C LEU C 67 -27.53 23.43 -22.13
N ASN C 68 -28.11 24.63 -22.05
CA ASN C 68 -29.55 24.82 -22.19
C ASN C 68 -30.33 24.04 -21.13
N GLY C 69 -29.82 24.03 -19.90
CA GLY C 69 -30.42 23.30 -18.82
C GLY C 69 -31.13 24.18 -17.82
N SER C 70 -31.44 23.58 -16.67
CA SER C 70 -32.10 24.30 -15.60
C SER C 70 -31.15 25.32 -14.97
N LEU C 71 -31.71 26.46 -14.56
CA LEU C 71 -30.96 27.50 -13.87
C LEU C 71 -31.47 27.66 -12.45
N ALA C 72 -30.57 28.04 -11.55
CA ALA C 72 -30.97 28.33 -10.19
C ALA C 72 -31.71 29.68 -10.12
N GLU C 73 -32.42 29.89 -9.02
CA GLU C 73 -33.26 31.08 -8.91
C GLU C 73 -32.45 32.31 -8.51
N GLU C 74 -31.85 32.29 -7.31
CA GLU C 74 -31.13 33.44 -6.79
C GLU C 74 -29.63 33.35 -7.04
N GLU C 75 -28.99 32.29 -6.56
CA GLU C 75 -27.54 32.18 -6.61
C GLU C 75 -27.17 30.76 -7.00
N VAL C 76 -25.87 30.57 -7.29
CA VAL C 76 -25.36 29.24 -7.63
C VAL C 76 -25.66 28.27 -6.51
N VAL C 77 -26.09 27.06 -6.87
CA VAL C 77 -26.37 25.99 -5.92
C VAL C 77 -25.59 24.75 -6.32
N ILE C 78 -24.84 24.21 -5.36
CA ILE C 78 -24.05 22.99 -5.57
C ILE C 78 -24.70 21.86 -4.78
N ARG C 79 -24.75 20.67 -5.39
CA ARG C 79 -25.37 19.51 -4.77
C ARG C 79 -24.47 18.29 -4.94
N SER C 80 -24.61 17.34 -4.03
CA SER C 80 -23.84 16.10 -4.06
C SER C 80 -24.53 15.08 -3.17
N GLU C 81 -24.47 13.82 -3.58
CA GLU C 81 -25.03 12.75 -2.77
C GLU C 81 -24.21 12.50 -1.50
N ASN C 82 -22.90 12.71 -1.57
CA ASN C 82 -22.04 12.62 -0.40
C ASN C 82 -20.80 13.49 -0.66
N TRP C 83 -20.64 14.55 0.13
CA TRP C 83 -19.55 15.49 -0.09
C TRP C 83 -18.21 14.89 0.25
N THR C 84 -18.16 13.90 1.14
CA THR C 84 -16.91 13.27 1.54
C THR C 84 -16.52 12.11 0.64
N ASP C 85 -17.36 11.73 -0.31
CA ASP C 85 -17.08 10.64 -1.24
C ASP C 85 -16.60 11.26 -2.55
N ASN C 86 -15.29 11.22 -2.77
CA ASN C 86 -14.73 11.81 -3.99
C ASN C 86 -15.16 11.06 -5.24
N ALA C 87 -15.65 9.82 -5.10
CA ALA C 87 -16.21 9.10 -6.22
C ALA C 87 -17.58 9.61 -6.64
N LYS C 88 -18.18 10.52 -5.87
CA LYS C 88 -19.45 11.12 -6.19
C LYS C 88 -19.24 12.52 -6.74
N SER C 89 -19.80 12.79 -7.91
CA SER C 89 -19.61 14.07 -8.56
C SER C 89 -20.43 15.15 -7.87
N ILE C 90 -20.00 16.40 -8.07
CA ILE C 90 -20.65 17.57 -7.49
C ILE C 90 -21.39 18.29 -8.61
N CYS C 91 -22.70 18.42 -8.47
CA CYS C 91 -23.53 19.08 -9.46
C CYS C 91 -23.59 20.57 -9.14
N VAL C 92 -23.18 21.40 -10.10
CA VAL C 92 -23.17 22.85 -9.95
C VAL C 92 -24.25 23.43 -10.86
N GLN C 93 -25.17 24.19 -10.29
CA GLN C 93 -26.26 24.81 -11.02
C GLN C 93 -26.10 26.32 -10.95
N LEU C 94 -25.85 26.95 -12.10
CA LEU C 94 -25.69 28.40 -12.14
C LEU C 94 -27.03 29.09 -11.95
N ALA C 95 -26.97 30.36 -11.53
CA ALA C 95 -28.15 31.20 -11.44
C ALA C 95 -28.33 32.01 -12.72
N THR C 96 -27.28 32.68 -13.18
CA THR C 96 -27.25 33.36 -14.47
C THR C 96 -26.30 32.60 -15.40
N SER C 97 -26.81 32.22 -16.56
CA SER C 97 -26.03 31.38 -17.47
C SER C 97 -24.89 32.17 -18.10
N VAL C 98 -23.92 31.43 -18.64
CA VAL C 98 -22.80 32.00 -19.37
C VAL C 98 -22.91 31.55 -20.82
N GLU C 99 -22.93 32.51 -21.74
CA GLU C 99 -23.11 32.20 -23.16
C GLU C 99 -21.80 31.77 -23.78
N ILE C 100 -21.84 30.68 -24.53
CA ILE C 100 -20.71 30.24 -25.34
C ILE C 100 -21.08 30.43 -26.82
N ALA C 101 -20.22 31.13 -27.54
CA ALA C 101 -20.48 31.51 -28.93
C ALA C 101 -19.53 30.74 -29.84
N CYS C 102 -20.09 29.89 -30.69
CA CYS C 102 -19.31 29.13 -31.67
C CYS C 102 -19.34 29.87 -32.99
N THR C 103 -18.15 30.28 -33.46
CA THR C 103 -18.07 31.05 -34.69
C THR C 103 -18.41 30.21 -35.92
N GLY C 104 -18.11 28.91 -35.88
CA GLY C 104 -18.23 28.06 -37.04
C GLY C 104 -16.92 27.72 -37.72
N ALA C 105 -15.79 28.18 -37.17
CA ALA C 105 -14.47 27.95 -37.75
C ALA C 105 -13.64 26.96 -36.92
N GLY C 106 -14.29 26.19 -36.05
CA GLY C 106 -13.60 25.20 -35.25
C GLY C 106 -13.28 25.60 -33.83
N HIS C 107 -13.82 26.72 -33.35
CA HIS C 107 -13.59 27.12 -31.97
C HIS C 107 -14.81 27.88 -31.47
N CYS C 108 -15.11 27.69 -30.18
CA CYS C 108 -16.18 28.40 -29.50
C CYS C 108 -15.59 29.28 -28.40
N ALA C 109 -16.18 30.46 -28.21
CA ALA C 109 -15.60 31.49 -27.36
C ALA C 109 -16.44 31.70 -26.11
N ILE C 110 -15.78 32.15 -25.05
CA ILE C 110 -16.41 32.42 -23.76
C ILE C 110 -15.82 33.71 -23.20
N SER C 111 -16.68 34.58 -22.68
CA SER C 111 -16.21 35.82 -22.05
C SER C 111 -15.34 35.49 -20.85
N ARG C 112 -14.11 35.98 -20.86
CA ARG C 112 -13.16 35.70 -19.78
C ARG C 112 -13.66 36.25 -18.45
N ALA C 113 -14.15 37.50 -18.45
CA ALA C 113 -14.59 38.13 -17.21
C ALA C 113 -15.84 37.45 -16.66
N LYS C 114 -16.78 37.09 -17.55
CA LYS C 114 -18.02 36.47 -17.09
C LYS C 114 -17.77 35.05 -16.58
N TRP C 115 -16.83 34.32 -17.20
CA TRP C 115 -16.50 32.99 -16.71
C TRP C 115 -15.75 33.05 -15.39
N ALA C 116 -14.90 34.07 -15.22
CA ALA C 116 -14.16 34.22 -13.97
C ALA C 116 -15.09 34.48 -12.79
N ASN C 117 -16.11 35.32 -13.00
CA ASN C 117 -17.05 35.63 -11.92
C ASN C 117 -17.85 34.41 -11.49
N THR C 118 -18.29 33.60 -12.47
CA THR C 118 -19.04 32.39 -12.12
C THR C 118 -18.16 31.40 -11.35
N LEU C 119 -16.91 31.24 -11.79
CA LEU C 119 -15.99 30.37 -11.04
C LEU C 119 -15.78 30.88 -9.63
N LYS C 120 -15.72 32.21 -9.47
CA LYS C 120 -15.56 32.79 -8.14
C LYS C 120 -16.76 32.48 -7.26
N GLN C 121 -17.96 32.56 -7.82
CA GLN C 121 -19.16 32.21 -7.04
C GLN C 121 -19.15 30.74 -6.65
N ILE C 122 -18.77 29.86 -7.56
CA ILE C 122 -18.74 28.43 -7.27
C ILE C 122 -17.74 28.14 -6.16
N ALA C 123 -16.55 28.75 -6.25
CA ALA C 123 -15.54 28.56 -5.21
C ALA C 123 -16.04 29.03 -3.85
N SER C 124 -16.83 30.10 -3.84
CA SER C 124 -17.42 30.57 -2.59
C SER C 124 -18.38 29.53 -2.00
N LYS C 125 -19.23 28.96 -2.85
CA LYS C 125 -20.15 27.92 -2.38
C LYS C 125 -19.41 26.65 -1.99
N LEU C 126 -18.32 26.34 -2.71
CA LEU C 126 -17.52 25.17 -2.36
C LEU C 126 -16.82 25.35 -1.02
N ARG C 127 -16.35 26.58 -0.74
CA ARG C 127 -15.76 26.86 0.56
C ARG C 127 -16.78 26.67 1.68
N GLU C 128 -18.07 26.89 1.39
CA GLU C 128 -19.09 26.69 2.41
C GLU C 128 -19.16 25.22 2.83
N GLN C 129 -19.04 24.30 1.87
CA GLN C 129 -19.13 22.88 2.17
C GLN C 129 -17.84 22.27 2.67
N TYR C 130 -16.69 22.92 2.44
CA TYR C 130 -15.40 22.33 2.80
C TYR C 130 -14.55 23.26 3.67
N GLY C 131 -15.11 24.32 4.21
CA GLY C 131 -14.37 25.24 5.04
C GLY C 131 -13.69 26.33 4.24
N ALA C 132 -13.20 27.34 4.96
CA ALA C 132 -12.56 28.50 4.35
C ALA C 132 -11.16 28.09 3.90
N LYS C 133 -11.10 27.48 2.71
CA LYS C 133 -9.88 26.93 2.16
C LYS C 133 -9.66 27.48 0.76
N THR C 134 -8.46 27.27 0.24
CA THR C 134 -8.17 27.64 -1.14
C THR C 134 -8.86 26.67 -2.10
N ILE C 135 -9.53 27.21 -3.10
CA ILE C 135 -10.24 26.41 -4.09
C ILE C 135 -9.48 26.51 -5.41
N ILE C 136 -9.10 25.35 -5.96
CA ILE C 136 -8.30 25.26 -7.17
C ILE C 136 -9.07 24.46 -8.21
N PHE C 137 -9.11 24.96 -9.43
CA PHE C 137 -9.67 24.23 -10.57
C PHE C 137 -8.53 23.81 -11.48
N LYS C 138 -8.52 22.54 -11.85
CA LYS C 138 -7.51 21.96 -12.72
C LYS C 138 -8.18 21.24 -13.87
N PRO C 139 -7.49 21.07 -14.99
CA PRO C 139 -8.10 20.39 -16.15
C PRO C 139 -8.47 18.95 -15.83
N SER C 140 -9.13 18.32 -16.80
CA SER C 140 -9.60 16.95 -16.63
C SER C 140 -8.43 16.01 -16.38
N SER C 141 -8.64 15.05 -15.47
CA SER C 141 -7.61 14.07 -15.17
C SER C 141 -7.36 13.11 -16.32
N GLY C 142 -8.27 13.05 -17.29
CA GLY C 142 -8.10 12.17 -18.44
C GLY C 142 -9.29 11.26 -18.67
N GLY C 143 -9.39 10.71 -19.88
CA GLY C 143 -10.46 9.79 -20.18
C GLY C 143 -10.70 9.72 -21.67
N ASP C 144 -11.82 9.07 -22.02
CA ASP C 144 -12.23 8.97 -23.41
C ASP C 144 -12.59 10.34 -23.96
N PRO C 145 -12.50 10.53 -25.29
CA PRO C 145 -12.64 11.88 -25.85
C PRO C 145 -13.94 12.59 -25.50
N GLU C 146 -15.04 11.85 -25.35
CA GLU C 146 -16.32 12.48 -25.05
C GLU C 146 -16.40 12.97 -23.61
N PHE C 147 -15.53 12.50 -22.73
CA PHE C 147 -15.55 12.90 -21.33
C PHE C 147 -14.38 13.75 -20.91
N VAL C 148 -13.19 13.52 -21.47
CA VAL C 148 -12.06 14.42 -21.19
C VAL C 148 -12.29 15.78 -21.83
N ASN C 149 -12.98 15.82 -22.96
CA ASN C 149 -13.40 17.07 -23.58
C ASN C 149 -14.83 17.40 -23.17
N HIS C 150 -15.19 18.67 -23.32
CA HIS C 150 -16.59 19.07 -23.24
C HIS C 150 -17.28 18.70 -24.54
N SER C 151 -18.25 17.78 -24.47
CA SER C 151 -18.90 17.24 -25.64
C SER C 151 -20.39 17.55 -25.60
N PHE C 152 -20.99 17.68 -26.78
CA PHE C 152 -22.42 17.94 -26.89
C PHE C 152 -22.90 17.52 -28.27
N ASN C 153 -24.21 17.28 -28.36
CA ASN C 153 -24.86 16.97 -29.63
C ASN C 153 -25.63 18.18 -30.10
N CYS C 154 -25.67 18.38 -31.42
CA CYS C 154 -26.38 19.52 -32.00
C CYS C 154 -26.70 19.20 -33.46
N GLY C 155 -27.98 19.03 -33.76
CA GLY C 155 -28.40 18.81 -35.14
C GLY C 155 -27.86 17.55 -35.77
N GLY C 156 -27.84 16.45 -35.03
CA GLY C 156 -27.37 15.18 -35.54
C GLY C 156 -25.87 15.00 -35.56
N GLU C 157 -25.11 15.98 -35.09
CA GLU C 157 -23.66 15.88 -35.04
C GLU C 157 -23.20 15.92 -33.59
N PHE C 158 -22.01 15.37 -33.35
CA PHE C 158 -21.39 15.33 -32.03
C PHE C 158 -20.09 16.09 -32.07
N PHE C 159 -19.89 16.99 -31.11
CA PHE C 159 -18.76 17.91 -31.11
C PHE C 159 -17.94 17.73 -29.84
N TYR C 160 -16.62 17.80 -29.99
CA TYR C 160 -15.69 17.68 -28.88
C TYR C 160 -14.92 18.99 -28.73
N CYS C 161 -15.03 19.60 -27.56
CA CYS C 161 -14.35 20.86 -27.27
C CYS C 161 -13.42 20.68 -26.08
N ALA C 162 -12.17 21.09 -26.24
CA ALA C 162 -11.19 20.99 -25.15
C ALA C 162 -11.47 22.07 -24.12
N SER C 163 -11.80 21.65 -22.90
CA SER C 163 -12.12 22.56 -21.81
C SER C 163 -10.92 22.82 -20.90
N THR C 164 -9.70 22.67 -21.43
CA THR C 164 -8.51 22.82 -20.60
C THR C 164 -8.39 24.21 -20.02
N GLN C 165 -8.70 25.25 -20.82
CA GLN C 165 -8.58 26.62 -20.34
C GLN C 165 -9.66 26.99 -19.35
N LEU C 166 -10.77 26.25 -19.32
CA LEU C 166 -11.89 26.61 -18.45
C LEU C 166 -11.60 26.33 -16.98
N PHE C 167 -10.61 25.50 -16.67
CA PHE C 167 -10.25 25.14 -15.30
C PHE C 167 -8.73 25.33 -15.16
N ALA C 168 -8.32 26.58 -14.97
CA ALA C 168 -6.92 26.89 -14.72
C ALA C 168 -6.75 27.96 -13.65
N SER C 169 -7.71 28.09 -12.73
CA SER C 169 -7.75 29.22 -11.82
C SER C 169 -7.62 28.76 -10.36
N THR C 170 -7.10 29.67 -9.53
CA THR C 170 -6.98 29.48 -8.09
C THR C 170 -7.72 30.61 -7.38
N TRP C 171 -8.48 30.26 -6.34
CA TRP C 171 -9.33 31.21 -5.65
C TRP C 171 -9.12 31.13 -4.14
N PHE C 172 -9.16 32.30 -3.49
CA PHE C 172 -8.95 32.39 -2.05
C PHE C 172 -10.20 32.93 -1.35
C1 NAG D . -29.57 32.06 -23.51
C2 NAG D . -30.24 31.76 -24.87
C3 NAG D . -30.88 33.02 -25.43
C4 NAG D . -31.79 33.68 -24.41
C5 NAG D . -31.01 33.91 -23.11
C6 NAG D . -31.84 34.53 -22.01
C7 NAG D . -28.18 31.71 -26.27
C8 NAG D . -27.44 30.83 -27.24
N2 NAG D . -29.32 31.17 -25.80
O3 NAG D . -31.58 32.66 -26.60
O4 NAG D . -32.25 34.89 -24.96
O5 NAG D . -30.52 32.67 -22.65
O6 NAG D . -31.09 34.57 -20.82
O7 NAG D . -27.75 32.82 -25.96
C1 NAG E . -29.34 25.88 -27.03
C2 NAG E . -29.14 25.05 -28.30
C3 NAG E . -29.02 25.94 -29.54
C4 NAG E . -30.17 26.93 -29.59
C5 NAG E . -30.12 27.76 -28.30
C6 NAG E . -31.16 28.85 -28.23
C7 NAG E . -27.87 22.95 -28.63
C8 NAG E . -26.54 22.30 -28.42
N2 NAG E . -27.96 24.23 -28.20
O3 NAG E . -28.98 25.11 -30.67
O4 NAG E . -30.01 27.73 -30.75
O5 NAG E . -30.32 26.88 -27.22
O6 NAG E . -32.45 28.30 -28.19
O7 NAG E . -28.80 22.36 -29.16
C1 NAG F . -23.85 8.52 1.41
C2 NAG F . -24.18 7.11 0.89
C3 NAG F . -25.17 6.43 1.84
C4 NAG F . -24.64 6.46 3.27
C5 NAG F . -24.31 7.92 3.65
C6 NAG F . -23.77 8.09 5.05
C7 NAG F . -24.21 6.52 -1.52
C8 NAG F . -22.99 5.68 -1.25
N2 NAG F . -24.72 7.17 -0.44
O3 NAG F . -25.39 5.13 1.38
O4 NAG F . -25.64 5.92 4.10
O5 NAG F . -23.36 8.42 2.73
O6 NAG F . -23.52 9.45 5.30
O7 NAG F . -24.70 6.59 -2.63
#